data_3SHQ
#
_entry.id   3SHQ
#
_cell.length_a   101.813
_cell.length_b   101.813
_cell.length_c   90.936
_cell.angle_alpha   90.00
_cell.angle_beta   90.00
_cell.angle_gamma   90.00
#
_symmetry.space_group_name_H-M   'P 41 21 2'
#
loop_
_entity.id
_entity.type
_entity.pdbx_description
1 polymer UBLCP1
2 non-polymer 'MAGNESIUM ION'
3 water water
#
_entity_poly.entity_id   1
_entity_poly.type   'polypeptide(L)'
_entity_poly.pdbx_seq_one_letter_code
;MEVKEVVVIVKWSGKEYPVDLTDQDTVEVLRHEIFRKTQVRPERQKLLNLKYKGKTAADNVKISALELKPNFKLMMVGST
EADIEDACSLPDNIGEVVDDFDDADEREESVAHSAVYLAKVQRRVRDYKIKELAPPREGKKLLVLDIDYTLFDHRSPAET
GTELMRPYLHEFLTSAYEDYDIVIWSATSMRWIEEKMRLLGVASNDNYKVMFYLDSTAMISVHVPERGVVDVKPLGVIWA
LYKQYNSSNTIMFDDIRRNFLMNPKSGLKIRPFRQAHLNRGTDTELLKLSDYLRKIAHHCPDFNSLNHRKWEHYHPKKNS
;
_entity_poly.pdbx_strand_id   A
#
# COMPACT_ATOMS: atom_id res chain seq x y z
N LYS A 4 14.96 16.11 16.41
CA LYS A 4 13.85 15.32 15.88
C LYS A 4 14.14 14.80 14.47
N GLU A 5 14.06 15.68 13.47
CA GLU A 5 14.31 15.29 12.10
C GLU A 5 15.75 14.80 11.90
N VAL A 6 15.88 13.58 11.37
CA VAL A 6 17.18 12.96 11.17
C VAL A 6 17.31 12.40 9.75
N VAL A 7 18.51 12.52 9.19
CA VAL A 7 18.82 11.92 7.90
C VAL A 7 19.98 10.94 8.02
N VAL A 8 19.72 9.67 7.72
CA VAL A 8 20.77 8.67 7.70
C VAL A 8 21.13 8.33 6.27
N ILE A 9 22.37 8.59 5.90
CA ILE A 9 22.85 8.28 4.56
C ILE A 9 23.25 6.82 4.49
N VAL A 10 22.57 6.05 3.64
CA VAL A 10 22.89 4.63 3.51
C VAL A 10 23.61 4.33 2.19
N LYS A 11 24.75 3.67 2.31
CA LYS A 11 25.54 3.28 1.15
C LYS A 11 25.27 1.82 0.78
N TRP A 12 24.71 1.62 -0.41
CA TRP A 12 24.37 0.28 -0.90
C TRP A 12 24.57 0.15 -2.40
N SER A 13 25.27 -0.90 -2.82
CA SER A 13 25.45 -1.20 -4.24
C SER A 13 25.98 -0.01 -5.04
N GLY A 14 26.96 0.70 -4.47
CA GLY A 14 27.61 1.80 -5.14
C GLY A 14 26.79 3.08 -5.23
N LYS A 15 25.73 3.17 -4.44
CA LYS A 15 24.92 4.40 -4.40
C LYS A 15 24.68 4.87 -2.98
N GLU A 16 24.28 6.13 -2.85
CA GLU A 16 23.94 6.68 -1.55
C GLU A 16 22.44 6.99 -1.48
N TYR A 17 21.81 6.57 -0.38
CA TYR A 17 20.39 6.76 -0.20
C TYR A 17 20.12 7.54 1.09
N PRO A 18 19.77 8.83 0.96
CA PRO A 18 19.41 9.59 2.15
C PRO A 18 18.04 9.15 2.69
N VAL A 19 18.05 8.60 3.89
CA VAL A 19 16.84 8.09 4.52
C VAL A 19 16.35 9.10 5.56
N ASP A 20 15.12 9.57 5.38
CA ASP A 20 14.48 10.49 6.30
C ASP A 20 13.77 9.74 7.41
N LEU A 21 14.01 10.17 8.65
CA LEU A 21 13.20 9.71 9.77
C LEU A 21 13.36 10.65 10.96
N THR A 22 12.93 10.21 12.14
CA THR A 22 13.10 11.00 13.36
C THR A 22 14.04 10.27 14.30
N ASP A 23 14.45 10.93 15.38
CA ASP A 23 15.35 10.31 16.35
C ASP A 23 14.63 9.36 17.31
N GLN A 24 13.30 9.35 17.27
CA GLN A 24 12.52 8.43 18.09
C GLN A 24 12.17 7.14 17.35
N ASP A 25 12.46 7.10 16.06
CA ASP A 25 12.32 5.87 15.29
C ASP A 25 13.40 4.88 15.71
N THR A 26 13.12 3.59 15.58
CA THR A 26 14.09 2.58 15.96
C THR A 26 14.85 2.06 14.75
N VAL A 27 15.90 1.27 15.02
CA VAL A 27 16.66 0.62 13.96
C VAL A 27 15.74 -0.24 13.08
N GLU A 28 14.67 -0.79 13.69
CA GLU A 28 13.71 -1.58 12.93
C GLU A 28 13.02 -0.72 11.88
N VAL A 29 12.65 0.50 12.26
CA VAL A 29 12.03 1.41 11.31
C VAL A 29 13.04 1.76 10.23
N LEU A 30 14.28 2.00 10.62
CA LEU A 30 15.34 2.30 9.66
C LEU A 30 15.41 1.21 8.60
N ARG A 31 15.43 -0.06 9.03
CA ARG A 31 15.44 -1.19 8.11
C ARG A 31 14.26 -1.14 7.13
N HIS A 32 13.07 -0.81 7.63
CA HIS A 32 11.92 -0.72 6.73
C HIS A 32 12.04 0.44 5.76
N GLU A 33 12.62 1.56 6.20
CA GLU A 33 12.80 2.70 5.30
C GLU A 33 13.90 2.39 4.28
N ILE A 34 14.90 1.61 4.69
CA ILE A 34 15.94 1.15 3.77
C ILE A 34 15.34 0.23 2.69
N PHE A 35 14.46 -0.66 3.12
CA PHE A 35 13.73 -1.54 2.21
C PHE A 35 12.96 -0.70 1.20
N ARG A 36 12.31 0.34 1.70
CA ARG A 36 11.54 1.26 0.87
C ARG A 36 12.44 1.92 -0.19
N LYS A 37 13.67 2.25 0.18
CA LYS A 37 14.58 2.94 -0.74
C LYS A 37 15.29 2.00 -1.72
N THR A 38 15.59 0.78 -1.27
CA THR A 38 16.50 -0.10 -2.01
C THR A 38 15.87 -1.38 -2.54
N GLN A 39 14.73 -1.74 -1.99
CA GLN A 39 14.06 -3.01 -2.28
C GLN A 39 14.76 -4.22 -1.65
N VAL A 40 15.78 -3.98 -0.83
CA VAL A 40 16.36 -5.03 0.01
C VAL A 40 15.53 -5.19 1.29
N ARG A 41 14.97 -6.38 1.50
CA ARG A 41 14.13 -6.63 2.67
C ARG A 41 14.89 -6.46 3.98
N PRO A 42 14.19 -6.04 5.04
CA PRO A 42 14.85 -5.83 6.34
C PRO A 42 15.68 -7.03 6.78
N GLU A 43 15.16 -8.23 6.60
CA GLU A 43 15.88 -9.42 7.05
C GLU A 43 17.10 -9.76 6.17
N ARG A 44 17.21 -9.09 5.03
CA ARG A 44 18.30 -9.34 4.08
C ARG A 44 19.39 -8.29 4.19
N GLN A 45 19.22 -7.33 5.11
CA GLN A 45 20.18 -6.24 5.25
C GLN A 45 21.23 -6.52 6.32
N LYS A 46 22.49 -6.52 5.93
CA LYS A 46 23.55 -6.53 6.92
C LYS A 46 24.03 -5.09 7.11
N LEU A 47 23.75 -4.55 8.29
CA LEU A 47 24.17 -3.20 8.62
C LEU A 47 25.56 -3.28 9.24
N LEU A 48 26.56 -2.86 8.48
CA LEU A 48 27.96 -3.12 8.81
C LEU A 48 28.53 -2.28 9.94
N ASN A 49 28.18 -1.00 9.97
CA ASN A 49 28.81 -0.07 10.90
C ASN A 49 27.80 0.69 11.76
N LEU A 50 26.88 -0.05 12.36
CA LEU A 50 25.87 0.54 13.21
C LEU A 50 25.97 -0.09 14.60
N LYS A 51 26.87 0.43 15.42
CA LYS A 51 27.12 -0.15 16.73
C LYS A 51 26.42 0.60 17.85
N TYR A 52 26.03 -0.13 18.88
CA TYR A 52 25.46 0.45 20.09
C TYR A 52 26.23 -0.12 21.26
N LYS A 53 27.08 0.71 21.87
CA LYS A 53 27.96 0.24 22.94
C LYS A 53 28.77 -0.95 22.45
N GLY A 54 29.53 -0.74 21.38
CA GLY A 54 30.44 -1.74 20.86
C GLY A 54 29.79 -3.04 20.45
N LYS A 55 28.61 -2.96 19.83
CA LYS A 55 27.92 -4.15 19.34
C LYS A 55 26.78 -3.78 18.39
N THR A 56 26.48 -4.69 17.46
CA THR A 56 25.43 -4.48 16.47
C THR A 56 24.14 -4.03 17.14
N ALA A 57 23.71 -2.80 16.83
CA ALA A 57 22.49 -2.25 17.40
C ALA A 57 21.28 -3.13 17.09
N ALA A 58 20.54 -3.49 18.14
CA ALA A 58 19.34 -4.30 17.97
C ALA A 58 18.20 -3.48 17.38
N ASP A 59 17.22 -4.17 16.80
CA ASP A 59 16.11 -3.51 16.12
C ASP A 59 15.33 -2.55 17.01
N ASN A 60 15.38 -2.77 18.32
CA ASN A 60 14.60 -1.96 19.25
C ASN A 60 15.32 -0.72 19.77
N VAL A 61 16.55 -0.53 19.32
CA VAL A 61 17.33 0.64 19.73
C VAL A 61 16.87 1.87 18.96
N LYS A 62 16.58 2.95 19.70
CA LYS A 62 16.19 4.20 19.06
C LYS A 62 17.39 4.85 18.39
N ILE A 63 17.17 5.45 17.22
CA ILE A 63 18.23 6.15 16.50
C ILE A 63 18.89 7.16 17.42
N SER A 64 18.07 7.88 18.18
CA SER A 64 18.55 8.89 19.11
C SER A 64 19.78 8.42 19.88
N ALA A 65 19.68 7.22 20.44
CA ALA A 65 20.72 6.70 21.33
C ALA A 65 22.01 6.31 20.61
N LEU A 66 22.65 7.26 19.95
CA LEU A 66 23.97 7.00 19.36
C LEU A 66 24.72 8.16 18.68
N GLU A 67 24.52 8.32 17.38
CA GLU A 67 25.53 8.95 16.53
C GLU A 67 25.31 10.41 16.11
N LEU A 68 26.14 10.83 15.16
CA LEU A 68 26.12 12.16 14.57
C LEU A 68 27.09 12.18 13.40
N LYS A 69 26.81 13.01 12.41
CA LYS A 69 27.66 13.10 11.22
C LYS A 69 29.11 13.38 11.60
N PHE A 72 28.46 10.77 9.26
CA PHE A 72 28.28 9.32 9.27
C PHE A 72 27.59 8.80 8.02
N LYS A 73 28.06 7.66 7.53
CA LYS A 73 27.42 6.98 6.41
C LYS A 73 27.32 5.49 6.70
N LEU A 74 26.09 4.97 6.67
CA LEU A 74 25.81 3.58 7.03
C LEU A 74 25.99 2.64 5.84
N MET A 75 26.89 1.67 5.99
CA MET A 75 27.12 0.67 4.95
C MET A 75 26.19 -0.52 5.10
N MET A 76 25.42 -0.80 4.05
CA MET A 76 24.52 -1.95 4.04
C MET A 76 24.88 -2.92 2.93
N VAL A 77 25.05 -4.19 3.29
CA VAL A 77 25.21 -5.25 2.30
C VAL A 77 23.93 -6.08 2.27
N GLY A 78 23.42 -6.31 1.06
CA GLY A 78 22.21 -7.10 0.91
C GLY A 78 21.77 -7.17 -0.54
N SER A 79 20.85 -8.08 -0.84
CA SER A 79 20.40 -8.27 -2.20
C SER A 79 18.88 -8.20 -2.32
N THR A 80 18.41 -7.72 -3.45
CA THR A 80 16.98 -7.68 -3.73
C THR A 80 16.60 -8.66 -4.82
N GLU A 81 16.36 -9.91 -4.42
CA GLU A 81 15.89 -10.94 -5.34
C GLU A 81 16.82 -11.10 -6.54
N ASP A 92 11.37 -12.26 -10.94
CA ASP A 92 10.16 -11.45 -10.86
C ASP A 92 9.44 -11.64 -9.53
N ASN A 93 10.15 -12.19 -8.55
CA ASN A 93 9.57 -12.35 -7.21
C ASN A 93 9.36 -10.98 -6.56
N ILE A 94 8.23 -10.37 -6.87
CA ILE A 94 7.89 -9.03 -6.45
C ILE A 94 6.51 -9.04 -5.80
N GLY A 95 6.29 -8.14 -4.85
CA GLY A 95 4.99 -8.02 -4.21
C GLY A 95 4.85 -8.93 -3.00
N GLU A 96 3.62 -9.24 -2.64
CA GLU A 96 3.33 -10.08 -1.49
C GLU A 96 2.23 -11.07 -1.83
N VAL A 97 2.19 -12.20 -1.12
CA VAL A 97 1.17 -13.21 -1.41
C VAL A 97 0.30 -13.55 -0.19
N VAL A 98 0.78 -13.19 0.99
CA VAL A 98 0.03 -13.53 2.20
C VAL A 98 0.57 -12.77 3.40
N ASP A 99 -0.27 -12.56 4.41
CA ASP A 99 0.20 -12.15 5.73
C ASP A 99 -0.25 -13.17 6.76
N ASP A 100 0.68 -14.04 7.18
CA ASP A 100 0.35 -15.12 8.09
C ASP A 100 0.06 -14.62 9.51
N PHE A 101 0.24 -13.32 9.72
CA PHE A 101 0.09 -12.76 11.06
C PHE A 101 -1.05 -11.76 11.09
N ASP A 102 -1.90 -11.87 10.08
CA ASP A 102 -3.12 -11.09 9.99
C ASP A 102 -3.94 -11.21 11.27
N ASP A 103 -4.18 -10.08 11.92
CA ASP A 103 -5.03 -10.02 13.11
C ASP A 103 -6.43 -9.70 12.64
N ALA A 104 -7.34 -10.67 12.77
CA ALA A 104 -8.70 -10.49 12.28
C ALA A 104 -9.64 -9.92 13.36
N ASP A 105 -9.11 -9.65 14.55
CA ASP A 105 -9.91 -9.06 15.62
C ASP A 105 -10.44 -7.70 15.18
N GLU A 106 -11.73 -7.48 15.41
CA GLU A 106 -12.41 -6.30 14.89
C GLU A 106 -12.58 -5.24 15.98
N GLU A 109 -6.51 -1.64 17.87
CA GLU A 109 -6.51 -0.23 17.50
C GLU A 109 -6.53 0.66 18.74
N SER A 110 -5.81 1.78 18.68
CA SER A 110 -5.10 2.19 17.48
C SER A 110 -3.92 3.13 17.77
N VAL A 111 -2.86 2.97 17.00
CA VAL A 111 -1.84 4.01 16.91
C VAL A 111 -2.18 4.85 15.68
N ALA A 112 -3.28 4.46 15.03
CA ALA A 112 -3.80 5.17 13.86
C ALA A 112 -4.27 6.57 14.21
N HIS A 113 -4.20 6.92 15.48
CA HIS A 113 -4.60 8.24 15.94
C HIS A 113 -3.53 8.88 16.82
N SER A 114 -2.29 8.36 16.73
CA SER A 114 -1.19 8.90 17.52
C SER A 114 -0.45 10.00 16.78
N ALA A 115 0.18 10.89 17.54
CA ALA A 115 0.99 11.96 16.96
C ALA A 115 2.10 11.41 16.07
N VAL A 116 2.76 10.35 16.51
CA VAL A 116 3.86 9.76 15.75
C VAL A 116 3.38 9.36 14.37
N TYR A 117 2.25 8.67 14.32
CA TYR A 117 1.68 8.27 13.05
C TYR A 117 1.28 9.44 12.17
N LEU A 118 0.63 10.43 12.76
CA LEU A 118 0.18 11.59 12.01
C LEU A 118 1.36 12.34 11.40
N ALA A 119 2.48 12.37 12.12
CA ALA A 119 3.67 13.07 11.63
C ALA A 119 4.27 12.32 10.45
N LYS A 120 4.21 10.99 10.50
CA LYS A 120 4.68 10.17 9.40
C LYS A 120 3.87 10.42 8.13
N VAL A 121 2.55 10.53 8.28
CA VAL A 121 1.69 10.89 7.16
C VAL A 121 2.05 12.26 6.62
N GLN A 122 2.25 13.23 7.51
CA GLN A 122 2.56 14.60 7.10
C GLN A 122 3.86 14.71 6.30
N ARG A 123 4.85 13.91 6.67
CA ARG A 123 6.10 13.91 5.92
C ARG A 123 5.91 13.39 4.50
N ARG A 124 5.10 12.34 4.33
CA ARG A 124 4.74 11.88 2.99
C ARG A 124 3.96 12.95 2.24
N VAL A 125 3.05 13.62 2.94
CA VAL A 125 2.22 14.65 2.35
C VAL A 125 3.10 15.80 1.86
N ARG A 126 4.17 16.05 2.61
CA ARG A 126 5.08 17.15 2.28
C ARG A 126 6.03 16.77 1.14
N ASP A 127 6.50 15.53 1.13
CA ASP A 127 7.58 15.14 0.21
C ASP A 127 7.14 14.34 -1.02
N TYR A 128 6.10 13.52 -0.88
CA TYR A 128 5.69 12.66 -1.99
C TYR A 128 4.96 13.47 -3.06
N LYS A 129 5.40 13.34 -4.30
CA LYS A 129 4.84 14.11 -5.40
C LYS A 129 3.94 13.26 -6.27
N ILE A 130 2.64 13.48 -6.14
CA ILE A 130 1.64 12.77 -6.93
C ILE A 130 1.65 13.25 -8.38
N LYS A 131 1.67 12.31 -9.32
CA LYS A 131 1.53 12.63 -10.72
C LYS A 131 0.10 12.38 -11.17
N GLU A 132 -0.70 13.45 -11.26
CA GLU A 132 -2.11 13.32 -11.63
C GLU A 132 -2.26 12.87 -13.08
N LEU A 133 -2.90 11.73 -13.29
CA LEU A 133 -3.15 11.21 -14.63
C LEU A 133 -4.51 11.68 -15.15
N ALA A 134 -5.46 11.83 -14.23
CA ALA A 134 -6.77 12.38 -14.55
C ALA A 134 -7.31 13.09 -13.33
N PRO A 135 -8.16 14.11 -13.53
CA PRO A 135 -8.59 14.93 -12.39
C PRO A 135 -9.73 14.28 -11.61
N PRO A 136 -9.91 14.68 -10.35
CA PRO A 136 -11.09 14.28 -9.58
C PRO A 136 -12.33 14.80 -10.29
N ARG A 137 -13.45 14.12 -10.09
CA ARG A 137 -14.73 14.61 -10.62
C ARG A 137 -15.65 14.93 -9.46
N GLU A 138 -16.42 16.00 -9.61
CA GLU A 138 -17.29 16.48 -8.54
C GLU A 138 -18.26 15.41 -8.06
N GLY A 139 -18.38 15.28 -6.75
CA GLY A 139 -19.35 14.39 -6.15
C GLY A 139 -19.01 12.91 -6.13
N LYS A 140 -17.90 12.50 -6.76
CA LYS A 140 -17.57 11.07 -6.80
C LYS A 140 -17.00 10.57 -5.48
N LYS A 141 -17.17 9.28 -5.21
CA LYS A 141 -16.52 8.64 -4.07
C LYS A 141 -15.09 8.31 -4.48
N LEU A 142 -14.33 7.73 -3.57
CA LEU A 142 -12.96 7.32 -3.90
C LEU A 142 -12.79 5.82 -3.71
N LEU A 143 -12.30 5.17 -4.76
CA LEU A 143 -11.95 3.76 -4.70
C LEU A 143 -10.43 3.64 -4.83
N VAL A 144 -9.79 2.98 -3.87
CA VAL A 144 -8.35 2.71 -3.96
C VAL A 144 -8.14 1.22 -4.12
N LEU A 145 -7.31 0.85 -5.09
CA LEU A 145 -7.15 -0.55 -5.45
C LEU A 145 -5.72 -1.01 -5.37
N ASP A 146 -5.51 -2.09 -4.63
CA ASP A 146 -4.27 -2.85 -4.71
C ASP A 146 -4.16 -3.52 -6.09
N ILE A 147 -2.95 -3.96 -6.46
CA ILE A 147 -2.78 -4.74 -7.69
C ILE A 147 -2.56 -6.24 -7.44
N ASP A 148 -1.48 -6.59 -6.74
CA ASP A 148 -1.12 -8.02 -6.65
C ASP A 148 -2.13 -8.88 -5.91
N TYR A 149 -2.63 -9.91 -6.59
CA TYR A 149 -3.68 -10.79 -6.09
C TYR A 149 -5.02 -10.08 -5.93
N THR A 150 -5.05 -8.78 -6.24
CA THR A 150 -6.31 -8.05 -6.19
C THR A 150 -6.92 -7.93 -7.59
N LEU A 151 -6.14 -7.43 -8.55
CA LEU A 151 -6.60 -7.28 -9.93
C LEU A 151 -5.98 -8.32 -10.86
N PHE A 152 -4.98 -9.04 -10.39
CA PHE A 152 -4.37 -10.06 -11.23
C PHE A 152 -3.45 -11.01 -10.47
N ASP A 153 -3.10 -12.10 -11.14
CA ASP A 153 -2.24 -13.13 -10.54
C ASP A 153 -0.81 -12.79 -10.92
N HIS A 154 -0.05 -12.29 -9.96
CA HIS A 154 1.32 -11.86 -10.20
C HIS A 154 2.35 -12.98 -10.00
N ARG A 155 1.87 -14.20 -9.74
CA ARG A 155 2.78 -15.31 -9.40
C ARG A 155 2.87 -16.39 -10.47
N SER A 156 1.94 -16.40 -11.42
CA SER A 156 1.98 -17.40 -12.48
C SER A 156 2.78 -16.94 -13.69
N PRO A 157 3.46 -17.88 -14.35
CA PRO A 157 4.04 -17.56 -15.65
C PRO A 157 2.91 -17.49 -16.67
N ALA A 158 3.03 -16.62 -17.68
CA ALA A 158 2.03 -16.55 -18.73
C ALA A 158 2.54 -15.75 -19.92
N GLU A 159 2.08 -16.12 -21.10
CA GLU A 159 2.55 -15.51 -22.34
C GLU A 159 1.85 -14.17 -22.62
N THR A 160 0.67 -13.98 -22.04
CA THR A 160 -0.07 -12.75 -22.22
C THR A 160 -0.68 -12.24 -20.91
N GLY A 161 -0.97 -10.95 -20.85
CA GLY A 161 -1.58 -10.35 -19.68
C GLY A 161 -3.03 -10.77 -19.52
N THR A 162 -3.70 -11.04 -20.63
CA THR A 162 -5.08 -11.48 -20.60
C THR A 162 -5.25 -12.72 -19.73
N GLU A 163 -4.24 -13.58 -19.74
CA GLU A 163 -4.31 -14.83 -19.00
C GLU A 163 -4.18 -14.66 -17.48
N LEU A 164 -3.49 -13.60 -17.05
CA LEU A 164 -3.25 -13.38 -15.62
C LEU A 164 -4.27 -12.42 -15.01
N MET A 165 -5.03 -11.75 -15.87
CA MET A 165 -6.01 -10.75 -15.45
C MET A 165 -7.14 -11.37 -14.63
N ARG A 166 -7.55 -10.73 -13.54
CA ARG A 166 -8.69 -11.27 -12.80
C ARG A 166 -9.95 -11.12 -13.67
N PRO A 167 -10.80 -12.15 -13.68
CA PRO A 167 -12.03 -12.08 -14.49
C PRO A 167 -12.85 -10.83 -14.19
N TYR A 168 -13.39 -10.24 -15.25
CA TYR A 168 -14.31 -9.09 -15.15
C TYR A 168 -13.61 -7.81 -14.71
N LEU A 169 -12.28 -7.79 -14.82
CA LEU A 169 -11.52 -6.60 -14.44
C LEU A 169 -12.03 -5.30 -15.10
N HIS A 170 -12.19 -5.30 -16.42
CA HIS A 170 -12.54 -4.06 -17.09
C HIS A 170 -14.01 -3.67 -16.88
N GLU A 171 -14.88 -4.67 -16.79
CA GLU A 171 -16.27 -4.40 -16.49
C GLU A 171 -16.40 -3.83 -15.07
N PHE A 172 -15.60 -4.39 -14.15
CA PHE A 172 -15.57 -3.90 -12.77
C PHE A 172 -15.10 -2.45 -12.72
N LEU A 173 -14.01 -2.14 -13.39
CA LEU A 173 -13.50 -0.77 -13.37
C LEU A 173 -14.48 0.23 -14.03
N THR A 174 -15.14 -0.19 -15.10
CA THR A 174 -16.10 0.69 -15.77
C THR A 174 -17.29 0.99 -14.86
N SER A 175 -17.82 -0.06 -14.23
CA SER A 175 -18.91 0.12 -13.28
C SER A 175 -18.51 1.02 -12.11
N ALA A 176 -17.32 0.78 -11.55
CA ALA A 176 -16.85 1.58 -10.41
C ALA A 176 -16.69 3.05 -10.81
N TYR A 177 -16.15 3.28 -11.99
CA TYR A 177 -15.86 4.62 -12.47
C TYR A 177 -17.12 5.47 -12.57
N GLU A 178 -18.27 4.82 -12.69
CA GLU A 178 -19.54 5.55 -12.78
C GLU A 178 -19.76 6.37 -11.50
N ASP A 179 -19.35 5.81 -10.36
CA ASP A 179 -19.57 6.42 -9.06
C ASP A 179 -18.30 6.80 -8.29
N TYR A 180 -17.15 6.26 -8.71
CA TYR A 180 -15.89 6.45 -7.96
C TYR A 180 -14.77 6.98 -8.84
N ASP A 181 -14.02 7.94 -8.31
CA ASP A 181 -12.69 8.23 -8.87
C ASP A 181 -11.78 7.11 -8.39
N ILE A 182 -10.78 6.75 -9.18
CA ILE A 182 -10.03 5.52 -8.89
C ILE A 182 -8.55 5.78 -8.71
N VAL A 183 -7.97 5.22 -7.67
CA VAL A 183 -6.53 5.30 -7.44
C VAL A 183 -5.95 3.90 -7.31
N ILE A 184 -4.78 3.67 -7.91
CA ILE A 184 -4.09 2.40 -7.76
C ILE A 184 -2.95 2.56 -6.76
N TRP A 185 -2.90 1.67 -5.77
CA TRP A 185 -1.83 1.75 -4.77
C TRP A 185 -1.20 0.38 -4.55
N SER A 186 0.02 0.23 -5.07
CA SER A 186 0.75 -1.04 -5.05
C SER A 186 2.00 -0.89 -4.18
N ALA A 187 2.27 -1.90 -3.35
CA ALA A 187 3.48 -1.89 -2.51
C ALA A 187 4.70 -2.30 -3.32
N THR A 188 4.91 -1.62 -4.45
CA THR A 188 6.03 -1.93 -5.35
C THR A 188 6.60 -0.63 -5.90
N SER A 189 7.58 -0.72 -6.79
CA SER A 189 8.09 0.47 -7.47
C SER A 189 7.01 1.03 -8.40
N MET A 190 7.14 2.29 -8.77
CA MET A 190 6.23 2.90 -9.73
C MET A 190 6.40 2.22 -11.09
N ARG A 191 7.63 1.86 -11.42
CA ARG A 191 7.91 1.22 -12.71
C ARG A 191 7.07 -0.06 -12.86
N TRP A 192 7.01 -0.85 -11.80
CA TRP A 192 6.28 -2.12 -11.82
C TRP A 192 4.78 -1.84 -12.05
N ILE A 193 4.26 -0.84 -11.35
CA ILE A 193 2.88 -0.42 -11.54
C ILE A 193 2.60 -0.03 -13.00
N GLU A 194 3.43 0.84 -13.55
CA GLU A 194 3.22 1.28 -14.93
C GLU A 194 3.22 0.08 -15.87
N GLU A 195 4.17 -0.82 -15.67
CA GLU A 195 4.29 -2.00 -16.51
C GLU A 195 3.05 -2.91 -16.43
N LYS A 196 2.55 -3.13 -15.22
CA LYS A 196 1.40 -4.03 -15.07
C LYS A 196 0.11 -3.39 -15.58
N MET A 197 -0.01 -2.07 -15.43
CA MET A 197 -1.21 -1.38 -15.88
C MET A 197 -1.30 -1.38 -17.41
N ARG A 198 -0.14 -1.36 -18.07
CA ARG A 198 -0.12 -1.52 -19.52
C ARG A 198 -0.43 -2.97 -19.89
N LEU A 199 0.25 -3.90 -19.24
CA LEU A 199 0.02 -5.32 -19.44
C LEU A 199 -1.46 -5.71 -19.32
N LEU A 200 -2.17 -5.09 -18.38
CA LEU A 200 -3.55 -5.47 -18.10
C LEU A 200 -4.59 -4.65 -18.89
N GLY A 201 -4.14 -3.65 -19.65
CA GLY A 201 -5.04 -2.82 -20.43
C GLY A 201 -5.74 -1.73 -19.63
N VAL A 202 -5.30 -1.55 -18.39
CA VAL A 202 -5.90 -0.54 -17.52
C VAL A 202 -5.38 0.85 -17.84
N ALA A 203 -4.12 0.91 -18.27
CA ALA A 203 -3.42 2.18 -18.47
C ALA A 203 -4.15 3.13 -19.42
N SER A 204 -4.53 2.63 -20.58
CA SER A 204 -5.26 3.43 -21.55
C SER A 204 -6.56 2.74 -21.96
N ASN A 205 -7.61 2.98 -21.19
CA ASN A 205 -8.90 2.40 -21.48
C ASN A 205 -9.90 3.47 -21.86
N ASP A 206 -10.76 3.16 -22.83
CA ASP A 206 -11.74 4.11 -23.32
C ASP A 206 -12.91 4.29 -22.34
N ASN A 207 -13.07 3.33 -21.44
CA ASN A 207 -14.29 3.27 -20.62
C ASN A 207 -14.16 3.81 -19.20
N TYR A 208 -12.95 4.18 -18.81
CA TYR A 208 -12.71 4.70 -17.46
C TYR A 208 -11.33 5.33 -17.43
N LYS A 209 -11.06 6.08 -16.37
CA LYS A 209 -9.73 6.62 -16.14
C LYS A 209 -9.31 6.36 -14.71
N VAL A 210 -8.01 6.19 -14.51
CA VAL A 210 -7.42 6.12 -13.19
C VAL A 210 -6.83 7.48 -12.86
N MET A 211 -7.13 7.98 -11.68
CA MET A 211 -6.74 9.33 -11.27
C MET A 211 -5.22 9.46 -11.08
N PHE A 212 -4.63 8.55 -10.32
CA PHE A 212 -3.18 8.50 -10.20
C PHE A 212 -2.75 7.17 -9.59
N TYR A 213 -1.44 6.91 -9.59
CA TYR A 213 -0.88 5.70 -9.00
C TYR A 213 -0.08 6.10 -7.77
N LEU A 214 -0.06 5.24 -6.76
CA LEU A 214 0.80 5.42 -5.60
C LEU A 214 1.65 4.16 -5.42
N ASP A 215 2.89 4.34 -5.00
CA ASP A 215 3.79 3.20 -4.89
C ASP A 215 4.32 3.01 -3.47
N SER A 216 5.35 2.19 -3.31
CA SER A 216 5.78 1.87 -1.96
C SER A 216 6.41 3.07 -1.28
N THR A 217 6.86 4.06 -2.05
CA THR A 217 7.48 5.23 -1.41
C THR A 217 6.46 6.16 -0.74
N ALA A 218 5.18 5.99 -1.05
CA ALA A 218 4.12 6.73 -0.35
C ALA A 218 3.70 6.03 0.95
N MET A 219 4.11 4.78 1.10
CA MET A 219 3.77 4.01 2.30
C MET A 219 4.58 4.46 3.51
N ILE A 220 4.11 4.10 4.70
CA ILE A 220 4.85 4.44 5.91
C ILE A 220 5.08 3.20 6.75
N SER A 221 6.09 3.27 7.60
CA SER A 221 6.43 2.19 8.52
C SER A 221 6.06 2.64 9.94
N VAL A 222 5.20 1.87 10.58
CA VAL A 222 4.73 2.24 11.91
C VAL A 222 4.89 1.06 12.85
N HIS A 223 5.38 1.33 14.05
CA HIS A 223 5.47 0.30 15.06
C HIS A 223 4.09 0.10 15.63
N VAL A 224 3.60 -1.13 15.55
CA VAL A 224 2.35 -1.49 16.19
C VAL A 224 2.67 -2.44 17.34
N PRO A 225 2.40 -2.00 18.58
CA PRO A 225 2.79 -2.81 19.75
C PRO A 225 2.24 -4.22 19.61
N GLU A 226 2.97 -5.20 20.13
CA GLU A 226 2.56 -6.60 20.06
C GLU A 226 2.87 -7.19 18.70
N ARG A 227 3.23 -6.34 17.74
CA ARG A 227 3.40 -6.81 16.38
C ARG A 227 4.72 -6.40 15.71
N GLY A 228 5.35 -5.34 16.21
CA GLY A 228 6.57 -4.84 15.60
C GLY A 228 6.25 -3.84 14.49
N VAL A 229 7.25 -3.51 13.68
CA VAL A 229 7.07 -2.51 12.64
C VAL A 229 6.39 -3.09 11.41
N VAL A 230 5.34 -2.42 10.94
CA VAL A 230 4.61 -2.84 9.76
C VAL A 230 4.57 -1.72 8.75
N ASP A 231 4.55 -2.07 7.47
CA ASP A 231 4.42 -1.07 6.42
C ASP A 231 2.95 -1.05 6.01
N VAL A 232 2.37 0.16 5.93
CA VAL A 232 0.95 0.29 5.62
C VAL A 232 0.74 1.28 4.48
N LYS A 233 -0.47 1.26 3.90
CA LYS A 233 -0.84 2.23 2.89
C LYS A 233 -1.80 3.23 3.52
N PRO A 234 -1.27 4.38 3.98
CA PRO A 234 -2.06 5.32 4.74
C PRO A 234 -2.96 6.18 3.85
N LEU A 235 -4.26 5.90 3.88
CA LEU A 235 -5.20 6.70 3.10
C LEU A 235 -5.15 8.19 3.49
N GLY A 236 -4.64 8.46 4.70
CA GLY A 236 -4.49 9.83 5.17
C GLY A 236 -3.64 10.69 4.23
N VAL A 237 -2.71 10.05 3.52
CA VAL A 237 -1.90 10.79 2.56
C VAL A 237 -2.78 11.37 1.44
N ILE A 238 -3.68 10.54 0.92
CA ILE A 238 -4.61 11.02 -0.11
C ILE A 238 -5.58 12.05 0.48
N TRP A 239 -6.14 11.75 1.66
CA TRP A 239 -7.12 12.62 2.29
C TRP A 239 -6.57 14.00 2.63
N ALA A 240 -5.28 14.08 2.89
CA ALA A 240 -4.65 15.36 3.21
C ALA A 240 -4.47 16.21 1.93
N LEU A 241 -4.27 15.54 0.81
CA LEU A 241 -3.95 16.22 -0.46
C LEU A 241 -5.19 16.45 -1.31
N TYR A 242 -6.17 15.56 -1.17
CA TYR A 242 -7.43 15.67 -1.90
C TYR A 242 -8.58 15.71 -0.91
N LYS A 243 -8.94 16.91 -0.47
CA LYS A 243 -9.88 17.07 0.63
C LYS A 243 -11.34 16.76 0.29
N GLN A 244 -11.64 16.54 -0.98
CA GLN A 244 -12.98 16.12 -1.35
C GLN A 244 -13.25 14.66 -0.96
N TYR A 245 -12.20 13.94 -0.55
CA TYR A 245 -12.39 12.57 -0.08
C TYR A 245 -11.99 12.43 1.39
N ASN A 246 -12.70 11.57 2.10
CA ASN A 246 -12.38 11.26 3.49
C ASN A 246 -12.93 9.87 3.80
N SER A 247 -12.86 9.44 5.06
CA SER A 247 -13.28 8.07 5.35
C SER A 247 -14.77 7.84 5.05
N SER A 248 -15.57 8.90 4.99
CA SER A 248 -17.00 8.72 4.79
C SER A 248 -17.35 8.34 3.35
N ASN A 249 -16.40 8.55 2.43
CA ASN A 249 -16.69 8.28 1.03
C ASN A 249 -15.52 7.60 0.29
N THR A 250 -14.66 6.93 1.05
CA THR A 250 -13.50 6.24 0.48
C THR A 250 -13.55 4.77 0.88
N ILE A 251 -13.23 3.88 -0.06
CA ILE A 251 -13.09 2.45 0.25
C ILE A 251 -11.88 1.91 -0.47
N MET A 252 -11.13 1.02 0.17
CA MET A 252 -9.95 0.43 -0.48
C MET A 252 -10.04 -1.09 -0.52
N PHE A 253 -9.68 -1.69 -1.66
CA PHE A 253 -9.65 -3.14 -1.79
C PHE A 253 -8.20 -3.57 -1.75
N ASP A 254 -7.87 -4.54 -0.88
CA ASP A 254 -6.50 -5.07 -0.83
C ASP A 254 -6.62 -6.50 -0.31
N ASP A 255 -5.78 -7.41 -0.80
CA ASP A 255 -5.86 -8.78 -0.27
C ASP A 255 -5.10 -8.90 1.05
N ILE A 256 -4.29 -7.89 1.36
CA ILE A 256 -3.49 -7.95 2.57
C ILE A 256 -4.04 -6.94 3.58
N ARG A 257 -4.71 -7.43 4.63
CA ARG A 257 -5.40 -6.56 5.58
C ARG A 257 -4.47 -5.57 6.29
N ARG A 258 -3.23 -5.99 6.52
CA ARG A 258 -2.24 -5.14 7.17
C ARG A 258 -2.12 -3.78 6.48
N ASN A 259 -2.29 -3.75 5.16
CA ASN A 259 -2.16 -2.50 4.43
C ASN A 259 -3.09 -1.37 4.93
N PHE A 260 -4.24 -1.72 5.47
CA PHE A 260 -5.11 -0.66 6.01
C PHE A 260 -5.17 -0.55 7.53
N LEU A 261 -4.10 -0.99 8.19
CA LEU A 261 -4.05 -1.00 9.64
C LEU A 261 -4.22 0.41 10.21
N MET A 262 -3.85 1.43 9.44
CA MET A 262 -4.02 2.80 9.94
C MET A 262 -5.35 3.43 9.52
N ASN A 263 -6.18 2.67 8.83
CA ASN A 263 -7.54 3.11 8.52
C ASN A 263 -8.45 1.90 8.31
N PRO A 264 -8.60 1.08 9.36
CA PRO A 264 -9.22 -0.25 9.27
C PRO A 264 -10.68 -0.22 8.80
N LYS A 265 -11.41 0.84 9.14
CA LYS A 265 -12.82 0.92 8.73
C LYS A 265 -12.98 1.17 7.23
N SER A 266 -11.91 1.57 6.56
CA SER A 266 -12.01 1.98 5.16
C SER A 266 -11.53 0.90 4.19
N GLY A 267 -11.19 -0.27 4.72
CA GLY A 267 -10.60 -1.31 3.89
C GLY A 267 -11.52 -2.51 3.77
N LEU A 268 -11.50 -3.14 2.60
CA LEU A 268 -12.25 -4.37 2.39
C LEU A 268 -11.23 -5.38 1.91
N LYS A 269 -11.13 -6.48 2.64
CA LYS A 269 -10.13 -7.49 2.34
C LYS A 269 -10.64 -8.42 1.26
N ILE A 270 -10.09 -8.29 0.06
CA ILE A 270 -10.58 -9.06 -1.07
C ILE A 270 -9.97 -10.45 -1.05
N ARG A 271 -10.71 -11.44 -1.52
CA ARG A 271 -10.13 -12.78 -1.66
C ARG A 271 -9.03 -12.70 -2.73
N PRO A 272 -7.87 -13.32 -2.47
CA PRO A 272 -6.76 -13.21 -3.44
C PRO A 272 -7.03 -14.01 -4.71
N PHE A 273 -6.67 -13.46 -5.86
CA PHE A 273 -6.80 -14.19 -7.12
C PHE A 273 -5.52 -14.93 -7.46
N ARG A 274 -5.45 -16.20 -7.04
CA ARG A 274 -4.26 -17.04 -7.25
C ARG A 274 -4.41 -17.97 -8.43
N GLN A 275 -3.26 -18.45 -8.92
CA GLN A 275 -3.21 -19.41 -10.02
C GLN A 275 -4.35 -19.22 -11.02
N ALA A 276 -4.23 -18.17 -11.81
CA ALA A 276 -5.26 -17.81 -12.79
C ALA A 276 -5.66 -18.98 -13.67
N HIS A 277 -4.70 -19.81 -14.06
CA HIS A 277 -4.99 -20.89 -15.00
C HIS A 277 -6.03 -21.87 -14.46
N LEU A 278 -6.07 -22.03 -13.14
CA LEU A 278 -7.02 -22.95 -12.52
C LEU A 278 -8.30 -22.27 -12.02
N ASN A 279 -8.20 -20.99 -11.69
CA ASN A 279 -9.31 -20.27 -11.04
C ASN A 279 -10.00 -19.21 -11.90
N ARG A 280 -9.46 -18.99 -13.09
CA ARG A 280 -9.99 -17.97 -13.99
C ARG A 280 -11.42 -18.29 -14.40
N GLY A 281 -11.75 -19.57 -14.43
CA GLY A 281 -13.07 -20.00 -14.84
C GLY A 281 -14.15 -19.84 -13.78
N THR A 282 -13.73 -19.64 -12.53
CA THR A 282 -14.66 -19.63 -11.41
C THR A 282 -14.70 -18.32 -10.61
N ASP A 283 -13.63 -17.53 -10.68
CA ASP A 283 -13.56 -16.30 -9.91
C ASP A 283 -14.55 -15.24 -10.42
N THR A 284 -15.43 -14.77 -9.55
CA THR A 284 -16.36 -13.69 -9.91
C THR A 284 -16.38 -12.60 -8.84
N GLU A 285 -15.32 -12.52 -8.02
CA GLU A 285 -15.30 -11.54 -6.95
C GLU A 285 -15.49 -10.11 -7.44
N LEU A 286 -14.86 -9.76 -8.56
CA LEU A 286 -15.00 -8.38 -9.07
C LEU A 286 -16.41 -8.08 -9.54
N LEU A 287 -17.10 -9.08 -10.06
CA LEU A 287 -18.50 -8.88 -10.45
C LEU A 287 -19.32 -8.61 -9.19
N LYS A 288 -19.12 -9.42 -8.17
CA LYS A 288 -19.86 -9.25 -6.92
C LYS A 288 -19.52 -7.92 -6.27
N LEU A 289 -18.24 -7.56 -6.27
CA LEU A 289 -17.84 -6.30 -5.66
C LEU A 289 -18.30 -5.08 -6.47
N SER A 290 -18.47 -5.22 -7.77
CA SER A 290 -19.03 -4.07 -8.51
C SER A 290 -20.46 -3.78 -8.01
N ASP A 291 -21.21 -4.84 -7.70
CA ASP A 291 -22.56 -4.66 -7.17
C ASP A 291 -22.49 -3.96 -5.82
N TYR A 292 -21.58 -4.44 -4.97
CA TYR A 292 -21.40 -3.84 -3.64
C TYR A 292 -21.09 -2.34 -3.75
N LEU A 293 -20.13 -1.99 -4.61
CA LEU A 293 -19.72 -0.60 -4.76
C LEU A 293 -20.88 0.27 -5.27
N ARG A 294 -21.65 -0.27 -6.21
CA ARG A 294 -22.78 0.49 -6.71
C ARG A 294 -23.80 0.71 -5.59
N LYS A 295 -24.08 -0.34 -4.82
CA LYS A 295 -25.10 -0.24 -3.76
C LYS A 295 -24.71 0.77 -2.67
N ILE A 296 -23.47 0.70 -2.19
CA ILE A 296 -23.08 1.65 -1.14
C ILE A 296 -22.97 3.08 -1.66
N ALA A 297 -22.58 3.26 -2.91
CA ALA A 297 -22.50 4.60 -3.46
C ALA A 297 -23.90 5.22 -3.52
N HIS A 298 -24.90 4.39 -3.83
CA HIS A 298 -26.26 4.88 -3.98
C HIS A 298 -27.06 4.95 -2.66
N HIS A 299 -26.73 4.09 -1.70
CA HIS A 299 -27.54 3.94 -0.49
C HIS A 299 -26.87 4.35 0.83
N CYS A 300 -25.55 4.56 0.80
CA CYS A 300 -24.84 4.84 2.05
C CYS A 300 -24.10 6.17 2.01
N PRO A 301 -24.66 7.19 2.69
CA PRO A 301 -24.08 8.53 2.68
C PRO A 301 -22.85 8.64 3.58
N ASP A 302 -22.59 7.64 4.40
CA ASP A 302 -21.39 7.65 5.25
C ASP A 302 -20.86 6.24 5.43
N PHE A 303 -19.80 5.92 4.66
CA PHE A 303 -19.22 4.57 4.65
C PHE A 303 -18.76 4.08 6.01
N ASN A 304 -18.53 5.00 6.94
CA ASN A 304 -18.15 4.59 8.30
C ASN A 304 -19.26 3.85 9.03
N SER A 305 -20.47 3.86 8.47
CA SER A 305 -21.58 3.13 9.09
C SER A 305 -21.58 1.66 8.68
N LEU A 306 -20.79 1.34 7.66
CA LEU A 306 -20.74 -0.01 7.08
C LEU A 306 -19.78 -0.95 7.82
N ASN A 307 -20.04 -2.25 7.70
CA ASN A 307 -19.09 -3.28 8.07
C ASN A 307 -18.70 -4.03 6.81
N HIS A 308 -17.55 -3.68 6.24
CA HIS A 308 -17.14 -4.26 4.95
C HIS A 308 -16.90 -5.76 5.02
N ARG A 309 -16.69 -6.30 6.21
CA ARG A 309 -16.52 -7.75 6.32
C ARG A 309 -17.81 -8.47 5.94
N LYS A 310 -18.93 -7.76 6.02
CA LYS A 310 -20.24 -8.33 5.73
C LYS A 310 -20.79 -7.86 4.39
N TRP A 311 -19.89 -7.45 3.51
CA TRP A 311 -20.29 -6.86 2.24
C TRP A 311 -21.21 -7.75 1.40
N GLU A 312 -21.02 -9.06 1.46
CA GLU A 312 -21.80 -10.00 0.66
C GLU A 312 -23.25 -10.04 1.11
N HIS A 313 -23.52 -9.51 2.30
CA HIS A 313 -24.87 -9.54 2.85
C HIS A 313 -25.48 -8.15 2.93
N TYR A 314 -24.87 -7.18 2.26
CA TYR A 314 -25.39 -5.83 2.25
C TYR A 314 -26.52 -5.67 1.23
N HIS A 315 -27.75 -5.54 1.72
CA HIS A 315 -28.91 -5.39 0.86
C HIS A 315 -29.83 -4.30 1.38
N PRO A 316 -29.51 -3.03 1.07
CA PRO A 316 -30.28 -1.89 1.57
C PRO A 316 -31.72 -1.89 1.08
#